data_4LBQ
#
_entry.id   4LBQ
#
_cell.length_a   110.040
_cell.length_b   38.200
_cell.length_c   130.180
_cell.angle_alpha   90.00
_cell.angle_beta   112.71
_cell.angle_gamma   90.00
#
_symmetry.space_group_name_H-M   'C 1 2 1'
#
loop_
_entity.id
_entity.type
_entity.pdbx_description
1 polymer Galectin-1
2 polymer Galectin-1
3 polymer Galectin-1
4 non-polymer GLYCEROL
5 water water
#
loop_
_entity_poly.entity_id
_entity_poly.type
_entity_poly.pdbx_seq_one_letter_code
_entity_poly.pdbx_strand_id
1 'polypeptide(L)'
;MACGLVASNLNLKPGECLKVRGEVASDAKSFVLNLGKDSNNLCLHFNPRFNAHGDANTIVCNTKEDGTWGTEHREPAFPF
QPGSITEV(CSO)ITFDQADLTIKLPDGHEFKFPNRLNMEAINYMAADGDFKIKCVAFE
;
A
2 'polypeptide(L)'
;MACGLVASNLNLKPGECLKVRGEVASDAKSFVLNLGKDSNNLCLHFNPRFNAHGDANTIVCNTKEDGTWGTEHREPAFPF
QPGSITEVCITFDQADLTIKLPDGHEFKFPNRLNMEAINYMAADGDFKIKCVAFE
;
B,C
3 'polypeptide(L)'
;MACGLVASNLNLKPGE(CSO)LKVRGEVASDAKSFVLNLGKDSNNLCLHFNPRFNAHGDANTIVCNTKEDGTWGTEHREP
AFPFQPGSITEVCITFDQADLTIKLPDGHEFKFPNRLNMEAINYMAADGDFKIK(CSO)VAFE
;
D
#
# COMPACT_ATOMS: atom_id res chain seq x y z
N CYS A 3 -12.67 9.20 -3.15
CA CYS A 3 -12.09 10.18 -4.07
C CYS A 3 -11.88 11.48 -3.32
N GLY A 4 -12.44 11.52 -2.11
CA GLY A 4 -12.37 12.63 -1.19
C GLY A 4 -11.34 12.26 -0.14
N LEU A 5 -11.01 13.20 0.75
CA LEU A 5 -10.03 12.97 1.80
C LEU A 5 -10.23 11.63 2.52
N VAL A 6 -9.12 10.93 2.71
CA VAL A 6 -9.09 9.67 3.43
C VAL A 6 -8.11 9.81 4.58
N ALA A 7 -8.54 9.44 5.78
CA ALA A 7 -7.68 9.53 6.95
C ALA A 7 -7.60 8.19 7.68
N SER A 8 -6.39 7.83 8.11
CA SER A 8 -6.18 6.60 8.85
C SER A 8 -5.42 6.86 10.15
N ASN A 9 -5.32 5.83 11.00
CA ASN A 9 -4.77 5.97 12.35
C ASN A 9 -5.46 7.05 13.17
N LEU A 10 -6.79 7.10 13.07
CA LEU A 10 -7.57 8.08 13.80
C LEU A 10 -7.50 7.83 15.31
N ASN A 11 -7.54 6.55 15.68
CA ASN A 11 -7.57 6.12 17.07
C ASN A 11 -8.64 6.85 17.89
N LEU A 12 -9.82 7.01 17.31
CA LEU A 12 -10.92 7.61 18.04
C LEU A 12 -11.46 6.58 19.03
N LYS A 13 -11.48 6.96 20.30
CA LYS A 13 -11.87 6.04 21.37
C LYS A 13 -13.28 6.38 21.84
N PRO A 14 -13.93 5.45 22.58
CA PRO A 14 -15.28 5.70 23.09
C PRO A 14 -15.38 6.99 23.91
N GLY A 15 -16.40 7.78 23.65
CA GLY A 15 -16.61 9.02 24.38
C GLY A 15 -16.07 10.23 23.64
N GLU A 16 -15.08 10.00 22.80
CA GLU A 16 -14.45 11.08 22.04
C GLU A 16 -15.30 11.51 20.85
N CYS A 17 -15.32 12.82 20.58
CA CYS A 17 -16.12 13.36 19.50
C CYS A 17 -15.27 13.61 18.26
N LEU A 18 -15.71 13.07 17.13
CA LEU A 18 -15.07 13.36 15.84
C LEU A 18 -15.88 14.40 15.08
N LYS A 19 -15.31 15.58 14.91
CA LYS A 19 -16.01 16.68 14.26
C LYS A 19 -15.51 16.87 12.84
N VAL A 20 -16.40 16.70 11.86
CA VAL A 20 -16.01 16.82 10.47
C VAL A 20 -16.79 17.94 9.78
N ARG A 21 -16.06 18.97 9.38
CA ARG A 21 -16.65 20.10 8.68
C ARG A 21 -16.18 20.07 7.23
N GLY A 22 -17.12 20.22 6.31
CA GLY A 22 -16.77 20.11 4.90
C GLY A 22 -17.74 20.82 3.97
N GLU A 23 -17.31 20.98 2.72
CA GLU A 23 -18.10 21.68 1.72
C GLU A 23 -18.83 20.68 0.83
N VAL A 24 -20.14 20.82 0.75
CA VAL A 24 -20.97 19.97 -0.10
C VAL A 24 -20.89 20.50 -1.52
N ALA A 25 -20.53 19.63 -2.46
CA ALA A 25 -20.39 20.02 -3.86
C ALA A 25 -21.67 20.69 -4.38
N SER A 26 -21.48 21.69 -5.24
CA SER A 26 -22.59 22.50 -5.74
C SER A 26 -23.54 21.72 -6.62
N ASP A 27 -23.11 20.56 -7.10
CA ASP A 27 -23.97 19.74 -7.96
C ASP A 27 -24.38 18.46 -7.24
N ALA A 28 -24.05 18.38 -5.96
CA ALA A 28 -24.30 17.17 -5.18
C ALA A 28 -25.78 16.97 -4.90
N LYS A 29 -26.24 15.74 -5.09
CA LYS A 29 -27.59 15.35 -4.70
C LYS A 29 -27.49 14.51 -3.44
N SER A 30 -26.24 14.19 -3.09
CA SER A 30 -25.94 13.36 -1.93
C SER A 30 -24.46 13.47 -1.64
N PHE A 31 -24.04 13.01 -0.45
CA PHE A 31 -22.61 12.75 -0.23
C PHE A 31 -22.39 11.58 0.72
N VAL A 32 -21.15 11.12 0.78
CA VAL A 32 -20.81 9.95 1.56
C VAL A 32 -19.64 10.24 2.50
N LEU A 33 -19.82 9.84 3.76
CA LEU A 33 -18.75 9.88 4.73
C LEU A 33 -18.66 8.50 5.40
N ASN A 34 -17.53 7.82 5.23
CA ASN A 34 -17.36 6.48 5.78
C ASN A 34 -16.50 6.46 7.04
N LEU A 35 -16.90 5.65 8.01
CA LEU A 35 -16.13 5.48 9.24
C LEU A 35 -15.97 4.00 9.56
N GLY A 36 -14.83 3.63 10.14
CA GLY A 36 -14.62 2.27 10.57
C GLY A 36 -13.18 1.91 10.90
N LYS A 37 -12.82 0.68 10.54
CA LYS A 37 -11.48 0.15 10.80
C LYS A 37 -10.60 0.32 9.57
N ASP A 38 -11.19 0.06 8.41
CA ASP A 38 -10.54 0.26 7.12
C ASP A 38 -11.62 0.40 6.05
N SER A 39 -11.21 0.46 4.79
CA SER A 39 -12.15 0.71 3.70
C SER A 39 -13.17 -0.41 3.55
N ASN A 40 -12.82 -1.61 4.01
CA ASN A 40 -13.68 -2.77 3.85
C ASN A 40 -14.48 -3.11 5.11
N ASN A 41 -14.22 -2.36 6.18
CA ASN A 41 -14.89 -2.60 7.46
C ASN A 41 -15.38 -1.29 8.06
N LEU A 42 -16.65 -0.99 7.82
CA LEU A 42 -17.24 0.28 8.22
C LEU A 42 -18.29 0.13 9.31
N CYS A 43 -18.13 0.87 10.40
CA CYS A 43 -19.15 0.94 11.42
C CYS A 43 -20.21 1.97 11.05
N LEU A 44 -19.90 2.80 10.06
CA LEU A 44 -20.86 3.80 9.61
C LEU A 44 -20.65 4.21 8.16
N HIS A 45 -21.64 3.88 7.33
CA HIS A 45 -21.70 4.41 5.97
C HIS A 45 -22.77 5.50 5.97
N PHE A 46 -22.33 6.75 6.02
CA PHE A 46 -23.23 7.88 6.16
C PHE A 46 -23.52 8.51 4.79
N ASN A 47 -24.69 8.21 4.25
CA ASN A 47 -25.04 8.61 2.89
C ASN A 47 -26.33 9.41 2.85
N PRO A 48 -26.27 10.69 3.25
CA PRO A 48 -27.44 11.55 3.13
C PRO A 48 -27.77 11.86 1.68
N ARG A 49 -29.04 11.79 1.32
CA ARG A 49 -29.47 12.14 -0.03
C ARG A 49 -30.47 13.27 0.06
N PHE A 50 -30.05 14.45 -0.36
CA PHE A 50 -30.87 15.65 -0.35
C PHE A 50 -31.22 16.12 -1.76
N ASN A 51 -32.44 16.63 -1.94
CA ASN A 51 -32.77 17.34 -3.17
C ASN A 51 -33.98 18.22 -2.97
N ALA A 52 -33.79 19.53 -3.11
CA ALA A 52 -34.89 20.48 -2.96
C ALA A 52 -35.81 20.36 -4.18
N HIS A 53 -35.29 19.73 -5.23
CA HIS A 53 -36.01 19.60 -6.49
C HIS A 53 -36.09 18.14 -6.95
N GLY A 54 -36.03 17.22 -5.99
CA GLY A 54 -36.12 15.81 -6.29
C GLY A 54 -36.84 15.08 -5.17
N ASP A 55 -36.95 13.75 -5.29
CA ASP A 55 -37.66 12.96 -4.29
C ASP A 55 -36.72 12.15 -3.40
N ALA A 56 -35.47 12.00 -3.85
CA ALA A 56 -34.48 11.26 -3.10
C ALA A 56 -34.03 12.03 -1.85
N ASN A 57 -34.94 12.15 -0.88
CA ASN A 57 -34.58 12.80 0.37
C ASN A 57 -34.66 11.84 1.55
N THR A 58 -33.49 11.44 2.02
CA THR A 58 -33.36 10.45 3.08
C THR A 58 -31.91 10.35 3.51
N ILE A 59 -31.66 9.80 4.69
CA ILE A 59 -30.30 9.50 5.10
C ILE A 59 -30.10 8.00 5.14
N VAL A 60 -29.32 7.49 4.20
CA VAL A 60 -29.00 6.08 4.16
C VAL A 60 -27.84 5.75 5.09
N CYS A 61 -28.06 4.82 6.01
CA CYS A 61 -27.00 4.35 6.89
C CYS A 61 -26.84 2.85 6.75
N ASN A 62 -25.58 2.40 6.71
CA ASN A 62 -25.31 0.98 6.65
C ASN A 62 -23.94 0.67 7.25
N THR A 63 -23.64 -0.61 7.36
CA THR A 63 -22.30 -1.04 7.72
C THR A 63 -21.71 -1.86 6.58
N LYS A 64 -20.40 -2.08 6.64
CA LYS A 64 -19.73 -2.95 5.70
C LYS A 64 -18.77 -3.86 6.49
N GLU A 65 -18.91 -5.17 6.27
CA GLU A 65 -18.11 -6.15 6.99
C GLU A 65 -17.39 -7.05 6.00
N ASP A 66 -16.06 -6.97 6.00
CA ASP A 66 -15.23 -7.68 5.03
C ASP A 66 -15.70 -7.40 3.61
N GLY A 67 -16.06 -6.14 3.35
CA GLY A 67 -16.49 -5.73 2.03
C GLY A 67 -17.99 -5.89 1.74
N THR A 68 -18.70 -6.58 2.63
CA THR A 68 -20.13 -6.86 2.41
C THR A 68 -21.05 -5.88 3.13
N TRP A 69 -21.92 -5.21 2.38
CA TRP A 69 -22.92 -4.31 2.96
C TRP A 69 -23.86 -5.06 3.90
N GLY A 70 -24.21 -4.41 5.00
CA GLY A 70 -25.13 -4.98 5.96
C GLY A 70 -26.56 -4.60 5.65
N THR A 71 -27.43 -4.65 6.66
CA THR A 71 -28.82 -4.28 6.44
C THR A 71 -28.91 -2.77 6.57
N GLU A 72 -29.31 -2.11 5.49
CA GLU A 72 -29.33 -0.66 5.46
C GLU A 72 -30.48 -0.09 6.28
N HIS A 73 -30.18 0.94 7.05
CA HIS A 73 -31.19 1.74 7.75
C HIS A 73 -31.35 3.09 7.09
N ARG A 74 -32.56 3.65 7.16
CA ARG A 74 -32.80 4.98 6.64
C ARG A 74 -33.38 5.93 7.68
N GLU A 75 -32.71 7.05 7.88
CA GLU A 75 -33.11 8.06 8.83
C GLU A 75 -33.81 9.20 8.08
N PRO A 76 -34.58 10.04 8.79
CA PRO A 76 -35.20 11.19 8.12
C PRO A 76 -34.16 12.09 7.47
N ALA A 77 -34.50 12.63 6.30
CA ALA A 77 -33.57 13.45 5.53
C ALA A 77 -33.14 14.68 6.30
N PHE A 78 -31.91 15.12 6.04
CA PHE A 78 -31.48 16.44 6.50
C PHE A 78 -31.27 17.34 5.29
N PRO A 79 -31.82 18.55 5.35
CA PRO A 79 -31.77 19.46 4.19
C PRO A 79 -30.40 20.09 3.98
N PHE A 80 -29.39 19.28 3.71
CA PHE A 80 -28.08 19.80 3.34
C PHE A 80 -28.22 20.63 2.07
N GLN A 81 -27.60 21.80 2.05
CA GLN A 81 -27.69 22.67 0.89
C GLN A 81 -26.41 22.53 0.07
N PRO A 82 -26.56 22.22 -1.22
CA PRO A 82 -25.42 22.11 -2.14
C PRO A 82 -24.61 23.38 -2.21
N GLY A 83 -23.29 23.25 -2.21
CA GLY A 83 -22.41 24.40 -2.30
C GLY A 83 -22.16 25.07 -0.96
N SER A 84 -22.68 24.48 0.10
CA SER A 84 -22.51 25.08 1.42
C SER A 84 -21.49 24.31 2.25
N ILE A 85 -21.06 24.93 3.35
CA ILE A 85 -20.19 24.25 4.31
C ILE A 85 -21.04 23.75 5.47
N THR A 86 -20.96 22.45 5.73
CA THR A 86 -21.74 21.82 6.78
C THR A 86 -20.87 21.05 7.76
N GLU A 87 -21.46 20.64 8.86
CA GLU A 87 -20.70 19.97 9.92
C GLU A 87 -21.47 18.80 10.53
N VAL A 88 -20.76 17.70 10.77
CA VAL A 88 -21.32 16.56 11.47
C VAL A 88 -20.36 16.11 12.55
N ILE A 90 -19.52 12.91 15.28
CA ILE A 90 -19.79 11.51 15.59
C ILE A 90 -19.08 11.06 16.85
N THR A 91 -19.82 10.41 17.75
N THR A 91 -19.82 10.41 17.74
CA THR A 91 -19.23 9.76 18.90
CA THR A 91 -19.28 9.76 18.93
C THR A 91 -19.75 8.33 18.96
C THR A 91 -19.76 8.33 18.96
N PHE A 92 -19.14 7.49 19.79
CA PHE A 92 -19.61 6.12 19.93
C PHE A 92 -19.30 5.48 21.27
N ASP A 93 -20.13 4.52 21.67
CA ASP A 93 -19.81 3.58 22.73
C ASP A 93 -20.00 2.16 22.20
N GLN A 94 -19.96 1.19 23.10
CA GLN A 94 -20.11 -0.21 22.73
C GLN A 94 -21.46 -0.48 22.06
N ALA A 95 -22.47 0.28 22.47
CA ALA A 95 -23.83 0.03 22.00
C ALA A 95 -24.12 0.75 20.69
N ASP A 96 -23.95 2.08 20.68
CA ASP A 96 -24.33 2.87 19.53
C ASP A 96 -23.30 3.89 19.09
N LEU A 97 -23.39 4.26 17.82
CA LEU A 97 -22.76 5.48 17.33
C LEU A 97 -23.80 6.58 17.42
N THR A 98 -23.35 7.77 17.82
CA THR A 98 -24.25 8.92 17.86
C THR A 98 -23.82 9.95 16.81
N ILE A 99 -24.76 10.31 15.94
CA ILE A 99 -24.47 11.24 14.86
C ILE A 99 -25.16 12.57 15.10
N LYS A 100 -24.38 13.62 15.29
CA LYS A 100 -24.94 14.95 15.52
C LYS A 100 -24.97 15.75 14.22
N LEU A 101 -26.17 16.20 13.85
CA LEU A 101 -26.40 16.93 12.62
C LEU A 101 -26.27 18.44 12.89
N PRO A 102 -26.15 19.25 11.82
CA PRO A 102 -25.92 20.70 11.98
C PRO A 102 -26.95 21.43 12.84
N ASP A 103 -28.21 21.00 12.81
CA ASP A 103 -29.26 21.68 13.57
C ASP A 103 -29.28 21.19 15.02
N GLY A 104 -28.27 20.41 15.39
CA GLY A 104 -28.16 19.88 16.73
C GLY A 104 -28.90 18.58 16.93
N HIS A 105 -29.69 18.19 15.93
CA HIS A 105 -30.43 16.95 16.00
C HIS A 105 -29.51 15.73 15.96
N GLU A 106 -29.83 14.73 16.77
CA GLU A 106 -29.07 13.50 16.85
C GLU A 106 -29.90 12.32 16.41
N PHE A 107 -29.25 11.33 15.83
CA PHE A 107 -29.87 10.02 15.71
C PHE A 107 -28.80 9.02 16.06
N LYS A 108 -29.21 7.85 16.50
CA LYS A 108 -28.26 6.80 16.86
C LYS A 108 -28.27 5.68 15.83
N PHE A 109 -27.15 4.99 15.76
CA PHE A 109 -26.99 3.88 14.84
C PHE A 109 -26.15 2.82 15.55
N PRO A 110 -26.66 1.58 15.57
CA PRO A 110 -26.05 0.53 16.38
C PRO A 110 -24.61 0.23 15.99
N ASN A 111 -23.78 -0.04 16.99
CA ASN A 111 -22.43 -0.50 16.76
C ASN A 111 -22.45 -2.01 16.52
N ARG A 112 -23.08 -2.41 15.42
CA ARG A 112 -23.33 -3.83 15.16
C ARG A 112 -22.03 -4.62 14.98
N LEU A 113 -20.96 -3.96 14.57
CA LEU A 113 -19.70 -4.67 14.38
C LEU A 113 -18.81 -4.57 15.62
N ASN A 114 -19.35 -4.00 16.69
CA ASN A 114 -18.68 -3.92 17.99
C ASN A 114 -17.28 -3.34 17.94
N MET A 115 -17.13 -2.21 17.26
CA MET A 115 -15.84 -1.55 17.16
C MET A 115 -15.46 -0.87 18.47
N GLU A 116 -14.23 -1.10 18.93
CA GLU A 116 -13.75 -0.50 20.16
C GLU A 116 -13.02 0.80 19.86
N ALA A 117 -12.75 1.00 18.58
CA ALA A 117 -12.11 2.23 18.12
C ALA A 117 -12.39 2.47 16.65
N ILE A 118 -12.44 3.74 16.26
CA ILE A 118 -12.52 4.13 14.86
C ILE A 118 -11.19 4.68 14.36
N ASN A 119 -10.62 4.03 13.36
CA ASN A 119 -9.30 4.42 12.85
C ASN A 119 -9.31 4.92 11.40
N TYR A 120 -10.46 4.82 10.75
CA TYR A 120 -10.55 5.10 9.31
C TYR A 120 -11.73 6.02 8.99
N MET A 121 -11.46 7.02 8.16
CA MET A 121 -12.51 7.90 7.66
C MET A 121 -12.28 8.24 6.20
N ALA A 122 -13.36 8.30 5.43
CA ALA A 122 -13.25 8.68 4.02
C ALA A 122 -14.48 9.43 3.55
N ALA A 123 -14.23 10.52 2.82
CA ALA A 123 -15.29 11.26 2.17
C ALA A 123 -15.28 10.94 0.69
N ASP A 124 -16.42 11.18 0.03
CA ASP A 124 -16.50 11.01 -1.42
C ASP A 124 -16.27 12.32 -2.15
N GLY A 125 -16.40 12.30 -3.46
CA GLY A 125 -16.19 13.49 -4.28
C GLY A 125 -17.26 14.55 -4.15
N ASP A 126 -18.29 14.28 -3.35
CA ASP A 126 -19.38 15.24 -3.17
C ASP A 126 -19.28 15.99 -1.85
N PHE A 127 -18.26 15.67 -1.06
CA PHE A 127 -18.06 16.30 0.24
C PHE A 127 -16.58 16.62 0.44
N LYS A 128 -16.20 17.87 0.17
CA LYS A 128 -14.81 18.30 0.31
C LYS A 128 -14.51 18.75 1.74
N ILE A 129 -13.81 17.91 2.49
CA ILE A 129 -13.56 18.16 3.90
C ILE A 129 -12.64 19.37 4.10
N LYS A 130 -13.09 20.27 4.97
CA LYS A 130 -12.35 21.50 5.26
C LYS A 130 -11.67 21.48 6.62
N CYS A 131 -12.27 20.78 7.57
N CYS A 131 -12.30 20.82 7.58
CA CYS A 131 -11.75 20.72 8.93
CA CYS A 131 -11.76 20.72 8.93
C CYS A 131 -12.08 19.38 9.60
C CYS A 131 -12.08 19.37 9.56
N VAL A 132 -11.08 18.77 10.21
CA VAL A 132 -11.30 17.57 11.01
C VAL A 132 -10.77 17.86 12.41
N ALA A 133 -11.59 17.58 13.42
CA ALA A 133 -11.20 17.89 14.78
C ALA A 133 -11.53 16.77 15.74
N PHE A 134 -10.68 16.62 16.76
CA PHE A 134 -10.86 15.61 17.78
C PHE A 134 -11.13 16.27 19.13
N GLU A 135 -12.39 16.22 19.55
CA GLU A 135 -12.81 16.87 20.79
C GLU A 135 -13.37 15.82 21.75
N CYS B 3 3.16 -13.72 6.39
CA CYS B 3 3.40 -14.92 5.62
C CYS B 3 2.51 -15.00 4.38
N GLY B 4 3.03 -15.68 3.35
CA GLY B 4 2.32 -15.82 2.10
C GLY B 4 2.97 -14.89 1.09
N LEU B 5 3.74 -15.49 0.18
CA LEU B 5 4.41 -14.75 -0.88
C LEU B 5 3.45 -13.84 -1.61
N VAL B 6 3.87 -12.60 -1.86
CA VAL B 6 3.07 -11.66 -2.62
C VAL B 6 3.87 -11.18 -3.82
N ALA B 7 3.28 -11.27 -5.00
CA ALA B 7 3.95 -10.83 -6.21
C ALA B 7 3.09 -9.84 -6.98
N SER B 8 3.71 -8.76 -7.45
CA SER B 8 3.00 -7.75 -8.22
C SER B 8 3.75 -7.48 -9.52
N ASN B 9 3.11 -6.71 -10.40
CA ASN B 9 3.61 -6.49 -11.75
C ASN B 9 3.84 -7.82 -12.47
N LEU B 10 2.92 -8.74 -12.29
CA LEU B 10 3.03 -10.05 -12.93
C LEU B 10 2.93 -9.92 -14.44
N ASN B 11 2.03 -9.04 -14.88
CA ASN B 11 1.75 -8.83 -16.30
C ASN B 11 1.50 -10.14 -17.04
N LEU B 12 0.71 -11.01 -16.43
CA LEU B 12 0.32 -12.27 -17.05
C LEU B 12 -0.63 -12.00 -18.20
N LYS B 13 -0.33 -12.54 -19.36
CA LYS B 13 -1.11 -12.26 -20.55
C LYS B 13 -2.06 -13.42 -20.81
N PRO B 14 -3.10 -13.18 -21.63
CA PRO B 14 -4.07 -14.24 -21.93
C PRO B 14 -3.40 -15.47 -22.52
N GLY B 15 -3.71 -16.64 -22.00
CA GLY B 15 -3.15 -17.86 -22.57
C GLY B 15 -1.90 -18.31 -21.84
N GLU B 16 -1.22 -17.36 -21.22
CA GLU B 16 0.03 -17.66 -20.53
C GLU B 16 -0.28 -18.42 -19.27
N CYS B 17 0.55 -19.41 -18.99
CA CYS B 17 0.35 -20.31 -17.85
CA CYS B 17 0.32 -20.29 -17.84
C CYS B 17 1.08 -19.83 -16.61
N LEU B 18 0.34 -19.59 -15.53
CA LEU B 18 0.97 -19.23 -14.27
C LEU B 18 1.08 -20.51 -13.46
N LYS B 19 2.30 -20.98 -13.31
CA LYS B 19 2.54 -22.25 -12.63
C LYS B 19 3.07 -21.96 -11.25
N VAL B 20 2.31 -22.37 -10.24
CA VAL B 20 2.69 -22.11 -8.86
C VAL B 20 2.86 -23.41 -8.11
N ARG B 21 4.09 -23.67 -7.68
CA ARG B 21 4.41 -24.85 -6.90
C ARG B 21 4.71 -24.43 -5.47
N GLY B 22 4.10 -25.11 -4.51
CA GLY B 22 4.23 -24.72 -3.12
C GLY B 22 3.94 -25.84 -2.14
N GLU B 23 4.32 -25.63 -0.89
CA GLU B 23 4.14 -26.63 0.15
C GLU B 23 2.91 -26.33 1.00
N VAL B 24 2.03 -27.32 1.11
CA VAL B 24 0.84 -27.20 1.94
C VAL B 24 1.22 -27.45 3.39
N ALA B 25 0.85 -26.52 4.27
CA ALA B 25 1.19 -26.61 5.69
C ALA B 25 0.79 -27.95 6.30
N SER B 26 1.59 -28.44 7.25
CA SER B 26 1.41 -29.78 7.80
C SER B 26 0.14 -29.97 8.63
N ASP B 27 -0.47 -28.88 9.09
CA ASP B 27 -1.69 -28.96 9.87
C ASP B 27 -2.88 -28.33 9.15
N ALA B 28 -2.67 -27.97 7.90
CA ALA B 28 -3.64 -27.19 7.15
C ALA B 28 -4.94 -27.94 6.82
N LYS B 29 -6.06 -27.22 6.97
CA LYS B 29 -7.35 -27.73 6.55
C LYS B 29 -7.76 -27.07 5.25
N SER B 30 -6.99 -26.07 4.85
CA SER B 30 -7.24 -25.33 3.62
C SER B 30 -6.03 -24.48 3.26
N PHE B 31 -5.99 -23.97 2.03
CA PHE B 31 -5.06 -22.89 1.69
C PHE B 31 -5.65 -21.95 0.65
N VAL B 32 -5.01 -20.80 0.49
CA VAL B 32 -5.53 -19.76 -0.38
C VAL B 32 -4.49 -19.26 -1.38
N LEU B 33 -4.90 -19.15 -2.64
CA LEU B 33 -4.08 -18.51 -3.66
C LEU B 33 -4.95 -17.45 -4.33
N ASN B 34 -4.55 -16.19 -4.19
CA ASN B 34 -5.32 -15.10 -4.76
C ASN B 34 -4.64 -14.52 -5.98
N LEU B 35 -5.45 -14.23 -7.01
CA LEU B 35 -4.94 -13.62 -8.23
C LEU B 35 -5.83 -12.46 -8.62
N GLY B 36 -5.24 -11.42 -9.21
CA GLY B 36 -6.01 -10.28 -9.67
C GLY B 36 -5.15 -9.07 -9.96
N LYS B 37 -5.67 -7.90 -9.63
CA LYS B 37 -4.96 -6.65 -9.82
C LYS B 37 -4.26 -6.23 -8.53
N ASP B 38 -4.97 -6.38 -7.41
CA ASP B 38 -4.43 -6.10 -6.09
C ASP B 38 -5.25 -6.83 -5.02
N SER B 39 -4.97 -6.53 -3.76
CA SER B 39 -5.60 -7.24 -2.65
C SER B 39 -7.12 -7.08 -2.56
N ASN B 40 -7.63 -5.99 -3.14
CA ASN B 40 -9.08 -5.73 -3.12
C ASN B 40 -9.78 -6.07 -4.43
N ASN B 41 -9.00 -6.51 -5.42
CA ASN B 41 -9.56 -6.81 -6.74
C ASN B 41 -9.05 -8.13 -7.28
N LEU B 42 -9.82 -9.19 -7.04
CA LEU B 42 -9.39 -10.54 -7.36
C LEU B 42 -10.23 -11.15 -8.49
N CYS B 43 -9.57 -11.64 -9.53
CA CYS B 43 -10.26 -12.41 -10.56
C CYS B 43 -10.35 -13.87 -10.14
N LEU B 44 -9.57 -14.23 -9.12
CA LEU B 44 -9.59 -15.58 -8.60
C LEU B 44 -9.18 -15.67 -7.13
N HIS B 45 -10.15 -16.06 -6.31
CA HIS B 45 -9.87 -16.46 -4.94
C HIS B 45 -9.96 -17.98 -4.91
N PHE B 46 -8.80 -18.63 -4.93
CA PHE B 46 -8.72 -20.08 -5.00
C PHE B 46 -8.52 -20.69 -3.62
N ASN B 47 -9.60 -21.24 -3.07
CA ASN B 47 -9.58 -21.70 -1.69
C ASN B 47 -10.01 -23.16 -1.55
N PRO B 48 -9.09 -24.09 -1.84
CA PRO B 48 -9.41 -25.50 -1.59
C PRO B 48 -9.52 -25.77 -0.09
N ARG B 49 -10.54 -26.51 0.31
CA ARG B 49 -10.71 -26.84 1.72
C ARG B 49 -10.72 -28.35 1.88
N PHE B 50 -9.62 -28.89 2.42
CA PHE B 50 -9.50 -30.31 2.66
C PHE B 50 -9.58 -30.66 4.15
N ALA B 56 -17.11 -30.75 4.95
CA ALA B 56 -16.85 -29.52 4.21
C ALA B 56 -15.54 -29.60 3.44
N ASN B 57 -15.52 -30.47 2.42
CA ASN B 57 -14.40 -30.60 1.51
C ASN B 57 -14.82 -30.21 0.11
N THR B 58 -14.23 -29.11 -0.35
CA THR B 58 -14.63 -28.49 -1.61
C THR B 58 -13.61 -27.44 -1.99
N ILE B 59 -13.65 -27.02 -3.24
CA ILE B 59 -12.80 -25.93 -3.68
C ILE B 59 -13.67 -24.71 -3.88
N VAL B 60 -13.50 -23.73 -2.99
CA VAL B 60 -14.21 -22.47 -3.09
C VAL B 60 -13.48 -21.49 -3.99
N CYS B 61 -14.18 -20.98 -4.98
CA CYS B 61 -13.64 -19.94 -5.84
C CYS B 61 -14.54 -18.72 -5.81
N ASN B 62 -13.94 -17.55 -5.77
CA ASN B 62 -14.70 -16.31 -5.78
C ASN B 62 -13.90 -15.19 -6.41
N THR B 63 -14.56 -14.05 -6.61
CA THR B 63 -13.89 -12.85 -7.05
C THR B 63 -14.02 -11.81 -5.96
N LYS B 64 -13.21 -10.77 -6.05
CA LYS B 64 -13.34 -9.64 -5.14
C LYS B 64 -13.22 -8.37 -5.96
N GLU B 65 -14.20 -7.50 -5.82
CA GLU B 65 -14.25 -6.26 -6.59
C GLU B 65 -14.39 -5.07 -5.66
N ASP B 66 -13.37 -4.22 -5.64
CA ASP B 66 -13.36 -3.06 -4.75
C ASP B 66 -13.63 -3.49 -3.31
N GLY B 67 -13.02 -4.60 -2.91
CA GLY B 67 -13.12 -5.12 -1.56
C GLY B 67 -14.31 -6.01 -1.28
N THR B 68 -15.25 -6.11 -2.23
CA THR B 68 -16.47 -6.87 -2.02
C THR B 68 -16.44 -8.26 -2.64
N TRP B 69 -16.65 -9.28 -1.82
CA TRP B 69 -16.74 -10.66 -2.31
C TRP B 69 -17.92 -10.85 -3.26
N GLY B 70 -17.71 -11.61 -4.32
CA GLY B 70 -18.77 -11.92 -5.27
C GLY B 70 -19.50 -13.20 -4.88
N THR B 71 -20.17 -13.81 -5.84
CA THR B 71 -20.86 -15.07 -5.60
C THR B 71 -19.89 -16.22 -5.81
N GLU B 72 -19.63 -16.98 -4.75
CA GLU B 72 -18.64 -18.04 -4.82
C GLU B 72 -19.16 -19.28 -5.56
N HIS B 73 -18.25 -19.90 -6.29
CA HIS B 73 -18.52 -21.19 -6.93
C HIS B 73 -17.90 -22.29 -6.09
N ARG B 74 -18.51 -23.48 -6.14
CA ARG B 74 -17.90 -24.61 -5.47
C ARG B 74 -17.64 -25.76 -6.42
N GLU B 75 -16.38 -26.16 -6.47
CA GLU B 75 -15.96 -27.26 -7.31
C GLU B 75 -15.76 -28.47 -6.42
N PRO B 76 -15.78 -29.67 -7.00
CA PRO B 76 -15.49 -30.86 -6.19
C PRO B 76 -14.11 -30.77 -5.56
N ALA B 77 -13.99 -31.25 -4.33
CA ALA B 77 -12.73 -31.17 -3.59
C ALA B 77 -11.62 -31.87 -4.33
N PHE B 78 -10.41 -31.36 -4.16
CA PHE B 78 -9.22 -32.08 -4.59
C PHE B 78 -8.47 -32.52 -3.35
N PRO B 79 -8.02 -33.78 -3.32
CA PRO B 79 -7.38 -34.32 -2.12
C PRO B 79 -5.97 -33.79 -1.89
N PHE B 80 -5.84 -32.48 -1.68
CA PHE B 80 -4.56 -31.91 -1.31
C PHE B 80 -4.13 -32.52 0.02
N GLN B 81 -2.90 -32.97 0.10
CA GLN B 81 -2.40 -33.60 1.32
C GLN B 81 -1.50 -32.63 2.09
N PRO B 82 -1.79 -32.43 3.38
CA PRO B 82 -0.97 -31.57 4.23
C PRO B 82 0.48 -32.03 4.34
N GLY B 83 1.40 -31.08 4.27
CA GLY B 83 2.81 -31.37 4.37
C GLY B 83 3.45 -31.82 3.07
N SER B 84 2.65 -31.84 2.01
CA SER B 84 3.14 -32.28 0.72
C SER B 84 3.35 -31.09 -0.21
N ILE B 85 4.07 -31.32 -1.30
CA ILE B 85 4.25 -30.28 -2.30
C ILE B 85 3.27 -30.49 -3.45
N THR B 86 2.48 -29.47 -3.73
CA THR B 86 1.48 -29.53 -4.78
C THR B 86 1.67 -28.41 -5.78
N GLU B 87 1.02 -28.52 -6.92
CA GLU B 87 1.19 -27.57 -8.00
C GLU B 87 -0.13 -27.25 -8.66
N VAL B 88 -0.36 -25.98 -8.95
CA VAL B 88 -1.54 -25.57 -9.68
C VAL B 88 -1.14 -24.64 -10.81
N CYS B 89 -1.85 -24.76 -11.94
CA CYS B 89 -1.56 -23.91 -13.08
C CYS B 89 -2.80 -23.14 -13.45
N ILE B 90 -2.65 -21.84 -13.63
CA ILE B 90 -3.78 -20.97 -13.93
C ILE B 90 -3.54 -20.20 -15.22
N THR B 91 -4.54 -20.22 -16.10
CA THR B 91 -4.53 -19.36 -17.28
C THR B 91 -5.87 -18.64 -17.37
N PHE B 92 -5.98 -17.68 -18.29
CA PHE B 92 -7.23 -16.97 -18.48
C PHE B 92 -7.42 -16.48 -19.92
N ASP B 93 -8.67 -16.39 -20.34
CA ASP B 93 -9.02 -15.64 -21.55
C ASP B 93 -10.09 -14.63 -21.20
N GLN B 94 -10.71 -14.03 -22.23
N GLN B 94 -10.73 -14.05 -22.22
CA GLN B 94 -11.75 -13.04 -22.03
CA GLN B 94 -11.74 -13.02 -21.99
C GLN B 94 -12.95 -13.62 -21.28
C GLN B 94 -13.01 -13.60 -21.36
N ALA B 95 -13.22 -14.90 -21.53
CA ALA B 95 -14.41 -15.55 -20.99
C ALA B 95 -14.15 -16.17 -19.62
N ASP B 96 -13.15 -17.05 -19.54
CA ASP B 96 -12.93 -17.83 -18.33
C ASP B 96 -11.48 -17.86 -17.85
N LEU B 97 -11.32 -18.13 -16.56
CA LEU B 97 -10.05 -18.56 -16.02
C LEU B 97 -10.04 -20.08 -16.07
N THR B 98 -8.91 -20.66 -16.43
CA THR B 98 -8.80 -22.11 -16.41
C THR B 98 -7.80 -22.53 -15.34
N ILE B 99 -8.25 -23.40 -14.44
CA ILE B 99 -7.43 -23.84 -13.32
C ILE B 99 -7.05 -25.30 -13.49
N LYS B 100 -5.75 -25.57 -13.63
CA LYS B 100 -5.26 -26.93 -13.79
C LYS B 100 -4.81 -27.52 -12.46
N LEU B 101 -5.40 -28.65 -12.10
CA LEU B 101 -5.12 -29.31 -10.83
C LEU B 101 -4.00 -30.34 -11.01
N PRO B 102 -3.40 -30.80 -9.90
CA PRO B 102 -2.26 -31.74 -9.99
C PRO B 102 -2.55 -33.02 -10.76
N ASP B 103 -3.79 -33.50 -10.72
CA ASP B 103 -4.14 -34.74 -11.41
C ASP B 103 -4.44 -34.49 -12.88
N GLY B 104 -4.18 -33.26 -13.33
CA GLY B 104 -4.40 -32.87 -14.71
C GLY B 104 -5.81 -32.40 -14.99
N HIS B 105 -6.71 -32.57 -14.02
CA HIS B 105 -8.08 -32.11 -14.18
C HIS B 105 -8.18 -30.60 -14.20
N GLU B 106 -9.03 -30.08 -15.07
CA GLU B 106 -9.24 -28.64 -15.19
C GLU B 106 -10.67 -28.25 -14.87
N PHE B 107 -10.86 -27.06 -14.32
CA PHE B 107 -12.20 -26.46 -14.28
C PHE B 107 -12.10 -24.99 -14.64
N LYS B 108 -13.22 -24.42 -15.08
CA LYS B 108 -13.25 -23.02 -15.47
C LYS B 108 -13.98 -22.17 -14.46
N PHE B 109 -13.65 -20.88 -14.46
CA PHE B 109 -14.28 -19.92 -13.56
C PHE B 109 -14.36 -18.63 -14.35
N PRO B 110 -15.57 -18.04 -14.43
CA PRO B 110 -15.77 -16.90 -15.34
C PRO B 110 -14.92 -15.68 -14.99
N ASN B 111 -14.44 -15.01 -16.02
CA ASN B 111 -13.73 -13.75 -15.86
C ASN B 111 -14.73 -12.60 -15.74
N ARG B 112 -15.48 -12.59 -14.65
CA ARG B 112 -16.60 -11.65 -14.49
C ARG B 112 -16.18 -10.20 -14.45
N LEU B 113 -14.94 -9.94 -14.04
CA LEU B 113 -14.46 -8.58 -13.91
C LEU B 113 -13.73 -8.13 -15.16
N ASN B 114 -13.74 -8.97 -16.19
CA ASN B 114 -13.17 -8.67 -17.50
C ASN B 114 -11.72 -8.18 -17.44
N MET B 115 -10.89 -8.89 -16.68
CA MET B 115 -9.48 -8.52 -16.57
C MET B 115 -8.73 -8.88 -17.84
N GLU B 116 -7.96 -7.92 -18.35
CA GLU B 116 -7.21 -8.14 -19.58
C GLU B 116 -5.79 -8.59 -19.25
N ALA B 117 -5.44 -8.51 -17.96
CA ALA B 117 -4.15 -8.96 -17.47
C ALA B 117 -4.24 -9.29 -15.98
N ILE B 118 -3.43 -10.24 -15.54
CA ILE B 118 -3.28 -10.53 -14.12
C ILE B 118 -1.94 -10.00 -13.61
N ASN B 119 -1.98 -9.11 -12.63
CA ASN B 119 -0.78 -8.48 -12.13
C ASN B 119 -0.44 -8.82 -10.68
N TYR B 120 -1.33 -9.53 -10.02
CA TYR B 120 -1.20 -9.74 -8.59
C TYR B 120 -1.41 -11.20 -8.21
N MET B 121 -0.52 -11.73 -7.37
CA MET B 121 -0.68 -13.06 -6.81
C MET B 121 -0.27 -13.03 -5.35
N ALA B 122 -1.02 -13.71 -4.50
CA ALA B 122 -0.69 -13.80 -3.09
C ALA B 122 -1.16 -15.12 -2.51
N ALA B 123 -0.30 -15.74 -1.72
CA ALA B 123 -0.67 -16.95 -0.99
C ALA B 123 -0.94 -16.58 0.46
N ASP B 124 -1.66 -17.44 1.16
CA ASP B 124 -1.88 -17.26 2.59
C ASP B 124 -0.86 -18.06 3.39
N GLY B 125 -0.97 -18.03 4.72
CA GLY B 125 -0.01 -18.70 5.58
C GLY B 125 -0.05 -20.22 5.55
N ASP B 126 -0.97 -20.79 4.77
CA ASP B 126 -1.10 -22.24 4.69
C ASP B 126 -0.48 -22.80 3.41
N PHE B 127 0.06 -21.92 2.57
CA PHE B 127 0.63 -22.34 1.29
C PHE B 127 1.97 -21.65 1.05
N LYS B 128 3.05 -22.37 1.35
CA LYS B 128 4.40 -21.83 1.20
C LYS B 128 4.92 -22.01 -0.22
N ILE B 129 4.90 -20.93 -0.99
CA ILE B 129 5.28 -21.02 -2.40
C ILE B 129 6.77 -21.28 -2.57
N LYS B 130 7.10 -22.31 -3.34
CA LYS B 130 8.48 -22.70 -3.56
C LYS B 130 8.97 -22.31 -4.96
N CYS B 131 8.05 -22.30 -5.92
N CYS B 131 8.06 -22.35 -5.93
CA CYS B 131 8.41 -21.99 -7.30
CA CYS B 131 8.39 -21.99 -7.30
C CYS B 131 7.25 -21.33 -8.03
C CYS B 131 7.22 -21.29 -7.98
N VAL B 132 7.53 -20.23 -8.71
CA VAL B 132 6.54 -19.56 -9.56
C VAL B 132 7.10 -19.46 -10.97
N ALA B 133 6.30 -19.87 -11.96
CA ALA B 133 6.77 -19.86 -13.34
C ALA B 133 5.72 -19.36 -14.32
N PHE B 134 6.20 -18.72 -15.39
CA PHE B 134 5.36 -18.23 -16.47
C PHE B 134 5.69 -19.05 -17.71
N GLU B 135 4.80 -19.96 -18.07
CA GLU B 135 5.08 -20.89 -19.16
C GLU B 135 4.09 -20.78 -20.32
N CYS C 3 9.95 -0.78 -14.85
CA CYS C 3 9.80 -1.61 -13.66
C CYS C 3 9.26 -2.97 -14.06
N GLY C 4 9.53 -3.99 -13.25
CA GLY C 4 9.11 -5.35 -13.53
C GLY C 4 8.59 -6.04 -12.31
N LEU C 5 8.57 -7.37 -12.33
CA LEU C 5 8.05 -8.15 -11.20
C LEU C 5 8.64 -7.75 -9.83
N VAL C 6 7.75 -7.61 -8.86
CA VAL C 6 8.12 -7.31 -7.48
C VAL C 6 7.53 -8.37 -6.55
N ALA C 7 8.36 -8.92 -5.69
CA ALA C 7 7.89 -9.91 -4.73
C ALA C 7 8.25 -9.51 -3.31
N SER C 8 7.32 -9.71 -2.40
CA SER C 8 7.53 -9.42 -0.98
C SER C 8 7.16 -10.65 -0.17
N ASN C 9 7.46 -10.61 1.12
CA ASN C 9 7.28 -11.76 2.00
C ASN C 9 8.02 -13.00 1.49
N LEU C 10 9.22 -12.80 0.97
CA LEU C 10 10.03 -13.92 0.50
C LEU C 10 10.42 -14.78 1.69
N ASN C 11 10.74 -14.12 2.80
CA ASN C 11 11.24 -14.77 4.00
C ASN C 11 12.41 -15.70 3.68
N LEU C 12 13.30 -15.23 2.82
CA LEU C 12 14.49 -16.02 2.47
C LEU C 12 15.47 -15.99 3.64
N LYS C 13 15.87 -17.16 4.09
CA LYS C 13 16.72 -17.31 5.27
C LYS C 13 18.17 -17.65 4.89
N PRO C 14 19.11 -17.52 5.84
CA PRO C 14 20.50 -17.87 5.55
C PRO C 14 20.67 -19.31 5.04
N GLY C 15 21.44 -19.46 3.96
CA GLY C 15 21.73 -20.76 3.38
C GLY C 15 20.87 -21.20 2.21
N GLU C 16 19.61 -20.78 2.17
CA GLU C 16 18.73 -21.16 1.06
C GLU C 16 19.00 -20.28 -0.17
N CYS C 17 18.90 -20.89 -1.35
CA CYS C 17 19.22 -20.23 -2.61
C CYS C 17 17.99 -19.66 -3.35
N LEU C 18 18.09 -18.40 -3.76
CA LEU C 18 17.08 -17.77 -4.57
C LEU C 18 17.47 -17.78 -6.05
N LYS C 19 16.74 -18.56 -6.85
CA LYS C 19 17.05 -18.70 -8.27
C LYS C 19 16.06 -17.93 -9.13
N VAL C 20 16.55 -16.96 -9.87
CA VAL C 20 15.70 -16.11 -10.69
C VAL C 20 16.08 -16.21 -12.16
N ARG C 21 15.16 -16.73 -12.97
CA ARG C 21 15.40 -16.85 -14.41
C ARG C 21 14.52 -15.83 -15.13
N GLY C 22 15.10 -15.11 -16.09
CA GLY C 22 14.37 -14.05 -16.75
C GLY C 22 14.87 -13.68 -18.13
N GLU C 23 14.06 -12.92 -18.85
CA GLU C 23 14.36 -12.52 -20.22
C GLU C 23 14.93 -11.11 -20.29
N VAL C 24 16.11 -10.98 -20.88
CA VAL C 24 16.76 -9.68 -21.08
C VAL C 24 16.22 -8.96 -22.31
N ALA C 25 15.76 -7.73 -22.12
CA ALA C 25 15.18 -6.93 -23.19
C ALA C 25 16.10 -6.83 -24.41
N SER C 26 15.50 -6.80 -25.59
CA SER C 26 16.23 -6.84 -26.84
C SER C 26 17.09 -5.60 -27.09
N ASP C 27 16.80 -4.52 -26.37
CA ASP C 27 17.54 -3.28 -26.52
C ASP C 27 18.32 -2.92 -25.26
N ALA C 28 18.35 -3.85 -24.31
CA ALA C 28 18.91 -3.56 -22.99
C ALA C 28 20.42 -3.34 -23.03
N LYS C 29 20.87 -2.31 -22.33
CA LYS C 29 22.29 -2.05 -22.13
C LYS C 29 22.64 -2.48 -20.70
N SER C 30 21.60 -2.80 -19.94
CA SER C 30 21.74 -3.22 -18.54
C SER C 30 20.44 -3.81 -18.06
N PHE C 31 20.48 -4.48 -16.92
CA PHE C 31 19.24 -4.76 -16.18
C PHE C 31 19.53 -4.75 -14.69
N VAL C 32 18.47 -4.70 -13.89
CA VAL C 32 18.59 -4.56 -12.46
C VAL C 32 17.78 -5.60 -11.69
N LEU C 33 18.41 -6.20 -10.69
CA LEU C 33 17.70 -7.06 -9.75
C LEU C 33 18.00 -6.60 -8.31
N ASN C 34 16.97 -6.19 -7.60
CA ASN C 34 17.12 -5.70 -6.22
C ASN C 34 16.67 -6.72 -5.20
N LEU C 35 17.43 -6.83 -4.10
CA LEU C 35 17.07 -7.72 -3.01
C LEU C 35 17.19 -6.96 -1.68
N GLY C 36 16.32 -7.28 -0.72
CA GLY C 36 16.40 -6.66 0.58
C GLY C 36 15.16 -6.80 1.45
N LYS C 37 14.85 -5.72 2.17
CA LYS C 37 13.69 -5.67 3.05
C LYS C 37 12.51 -5.03 2.33
N ASP C 38 12.79 -3.94 1.62
CA ASP C 38 11.79 -3.28 0.78
C ASP C 38 12.52 -2.45 -0.28
N SER C 39 11.76 -1.64 -1.01
CA SER C 39 12.33 -0.87 -2.12
C SER C 39 13.37 0.17 -1.67
N ASN C 40 13.27 0.58 -0.42
CA ASN C 40 14.17 1.62 0.10
C ASN C 40 15.32 1.03 0.92
N ASN C 41 15.30 -0.28 1.10
CA ASN C 41 16.30 -0.94 1.93
C ASN C 41 16.83 -2.20 1.27
N LEU C 42 17.94 -2.07 0.56
CA LEU C 42 18.47 -3.17 -0.24
C LEU C 42 19.79 -3.73 0.27
N CYS C 43 19.83 -5.04 0.46
CA CYS C 43 21.09 -5.70 0.76
C CYS C 43 21.82 -6.03 -0.54
N LEU C 44 21.11 -5.93 -1.67
CA LEU C 44 21.74 -6.14 -2.97
C LEU C 44 21.03 -5.44 -4.12
N HIS C 45 21.73 -4.48 -4.70
CA HIS C 45 21.36 -3.86 -5.97
C HIS C 45 22.25 -4.46 -7.04
N PHE C 46 21.72 -5.42 -7.79
CA PHE C 46 22.50 -6.16 -8.77
C PHE C 46 22.30 -5.58 -10.17
N ASN C 47 23.27 -4.80 -10.63
CA ASN C 47 23.12 -4.07 -11.89
C ASN C 47 24.26 -4.32 -12.88
N PRO C 48 24.18 -5.45 -13.60
CA PRO C 48 25.16 -5.69 -14.67
C PRO C 48 24.97 -4.70 -15.82
N ARG C 49 26.07 -4.16 -16.36
CA ARG C 49 25.99 -3.26 -17.49
C ARG C 49 26.77 -3.85 -18.66
N PHE C 50 26.04 -4.33 -19.67
CA PHE C 50 26.63 -4.93 -20.86
C PHE C 50 26.46 -4.08 -22.11
N ASN C 51 27.47 -4.09 -22.99
CA ASN C 51 27.34 -3.53 -24.34
C ASN C 51 28.42 -4.06 -25.27
N ALA C 52 27.99 -4.70 -26.36
CA ALA C 52 28.93 -5.30 -27.31
C ALA C 52 29.70 -4.24 -28.11
N HIS C 53 29.26 -2.99 -28.06
CA HIS C 53 29.89 -1.95 -28.86
C HIS C 53 30.35 -0.75 -28.02
N GLY C 54 30.59 -0.98 -26.74
CA GLY C 54 31.00 0.10 -25.85
C GLY C 54 31.94 -0.32 -24.73
N ASP C 55 32.23 0.62 -23.83
CA ASP C 55 33.14 0.37 -22.70
C ASP C 55 32.37 0.17 -21.40
N ALA C 56 31.09 0.53 -21.40
CA ALA C 56 30.28 0.36 -20.21
C ALA C 56 29.99 -1.12 -19.97
N ASN C 57 31.04 -1.88 -19.67
CA ASN C 57 30.89 -3.29 -19.35
C ASN C 57 31.39 -3.60 -17.95
N THR C 58 30.46 -3.85 -17.04
CA THR C 58 30.78 -4.07 -15.64
C THR C 58 29.54 -4.52 -14.87
N ILE C 59 29.74 -5.08 -13.69
CA ILE C 59 28.62 -5.40 -12.81
C ILE C 59 28.63 -4.47 -11.61
N VAL C 60 27.65 -3.58 -11.55
CA VAL C 60 27.51 -2.68 -10.42
C VAL C 60 26.76 -3.34 -9.27
N CYS C 61 27.39 -3.34 -8.09
CA CYS C 61 26.75 -3.83 -6.89
C CYS C 61 26.73 -2.72 -5.85
N ASN C 62 25.61 -2.59 -5.17
CA ASN C 62 25.49 -1.61 -4.10
C ASN C 62 24.45 -2.03 -3.07
N THR C 63 24.38 -1.27 -1.99
CA THR C 63 23.31 -1.42 -1.03
C THR C 63 22.52 -0.11 -0.99
N LYS C 64 21.34 -0.16 -0.39
CA LYS C 64 20.57 1.05 -0.18
C LYS C 64 19.98 1.05 1.22
N GLU C 65 20.20 2.16 1.93
CA GLU C 65 19.74 2.30 3.30
C GLU C 65 18.83 3.51 3.41
N ASP C 66 17.56 3.26 3.73
CA ASP C 66 16.56 4.32 3.83
C ASP C 66 16.57 5.20 2.58
N GLY C 67 16.70 4.58 1.42
CA GLY C 67 16.68 5.30 0.15
C GLY C 67 18.03 5.83 -0.32
N THR C 68 19.04 5.75 0.52
CA THR C 68 20.36 6.30 0.19
C THR C 68 21.32 5.21 -0.29
N TRP C 69 21.84 5.38 -1.50
CA TRP C 69 22.82 4.42 -2.04
C TRP C 69 24.08 4.38 -1.19
N GLY C 70 24.66 3.19 -1.04
CA GLY C 70 25.88 3.02 -0.28
C GLY C 70 27.09 3.18 -1.16
N THR C 71 28.22 2.60 -0.75
CA THR C 71 29.42 2.68 -1.57
C THR C 71 29.39 1.57 -2.62
N GLU C 72 29.40 1.98 -3.88
CA GLU C 72 29.26 1.03 -4.97
C GLU C 72 30.52 0.21 -5.19
N HIS C 73 30.34 -1.09 -5.36
CA HIS C 73 31.42 -1.97 -5.79
C HIS C 73 31.18 -2.36 -7.24
N ARG C 74 32.25 -2.62 -7.98
CA ARG C 74 32.10 -3.09 -9.35
C ARG C 74 32.85 -4.40 -9.54
N GLU C 75 32.12 -5.41 -10.02
CA GLU C 75 32.67 -6.73 -10.27
C GLU C 75 32.95 -6.87 -11.76
N PRO C 76 33.80 -7.84 -12.15
CA PRO C 76 34.07 -8.03 -13.57
C PRO C 76 32.81 -8.27 -14.39
N ALA C 77 32.79 -7.74 -15.61
CA ALA C 77 31.62 -7.84 -16.48
C ALA C 77 31.28 -9.29 -16.75
N PHE C 78 30.00 -9.58 -16.90
CA PHE C 78 29.56 -10.85 -17.42
C PHE C 78 28.88 -10.61 -18.76
N PRO C 79 29.23 -11.43 -19.77
CA PRO C 79 28.70 -11.15 -21.11
C PRO C 79 27.21 -11.50 -21.27
N PHE C 80 26.37 -10.81 -20.52
CA PHE C 80 24.92 -10.89 -20.69
C PHE C 80 24.52 -10.34 -22.06
N GLN C 81 23.67 -11.05 -22.77
CA GLN C 81 23.25 -10.64 -24.11
C GLN C 81 21.84 -10.06 -24.17
N PRO C 82 21.69 -8.88 -24.79
CA PRO C 82 20.33 -8.37 -25.02
C PRO C 82 19.57 -9.37 -25.89
N GLY C 83 18.30 -9.62 -25.59
CA GLY C 83 17.52 -10.56 -26.36
C GLY C 83 17.68 -12.00 -25.88
N SER C 84 18.37 -12.18 -24.76
CA SER C 84 18.60 -13.51 -24.23
C SER C 84 17.77 -13.82 -22.99
N ILE C 85 17.71 -15.11 -22.64
CA ILE C 85 17.17 -15.55 -21.37
C ILE C 85 18.34 -15.88 -20.44
N THR C 86 18.40 -15.26 -19.27
CA THR C 86 19.50 -15.53 -18.36
C THR C 86 19.01 -15.94 -16.98
N GLU C 87 19.93 -16.44 -16.16
CA GLU C 87 19.57 -16.98 -14.85
C GLU C 87 20.61 -16.54 -13.80
N VAL C 88 20.12 -16.14 -12.62
CA VAL C 88 20.99 -15.74 -11.51
C VAL C 88 20.58 -16.43 -10.21
N CYS C 89 21.56 -16.81 -9.39
N CYS C 89 21.56 -16.81 -9.40
CA CYS C 89 21.29 -17.48 -8.12
CA CYS C 89 21.30 -17.47 -8.12
C CYS C 89 21.93 -16.74 -6.95
C CYS C 89 21.92 -16.70 -6.96
N ILE C 90 21.14 -16.49 -5.90
CA ILE C 90 21.62 -15.76 -4.73
C ILE C 90 21.44 -16.49 -3.39
N THR C 91 22.49 -16.51 -2.59
N THR C 91 22.49 -16.52 -2.59
CA THR C 91 22.42 -16.98 -1.21
CA THR C 91 22.41 -16.99 -1.21
C THR C 91 23.02 -15.92 -0.32
C THR C 91 23.02 -15.92 -0.32
N PHE C 92 22.83 -16.04 0.99
CA PHE C 92 23.47 -15.11 1.92
C PHE C 92 23.69 -15.78 3.28
N ASP C 93 24.72 -15.32 3.96
CA ASP C 93 24.92 -15.62 5.37
C ASP C 93 25.08 -14.31 6.12
N GLN C 94 25.50 -14.40 7.38
CA GLN C 94 25.68 -13.21 8.20
C GLN C 94 26.73 -12.28 7.60
N ALA C 95 27.72 -12.88 6.94
CA ALA C 95 28.84 -12.12 6.40
C ALA C 95 28.59 -11.62 4.98
N ASP C 96 28.28 -12.54 4.06
CA ASP C 96 28.22 -12.18 2.65
C ASP C 96 26.97 -12.65 1.94
N LEU C 97 26.64 -11.96 0.85
CA LEU C 97 25.74 -12.50 -0.15
C LEU C 97 26.59 -13.21 -1.18
N THR C 98 26.11 -14.34 -1.68
CA THR C 98 26.82 -15.04 -2.74
C THR C 98 25.99 -15.01 -4.01
N ILE C 99 26.57 -14.50 -5.09
CA ILE C 99 25.86 -14.38 -6.35
C ILE C 99 26.43 -15.36 -7.35
N LYS C 100 25.60 -16.32 -7.76
CA LYS C 100 26.02 -17.31 -8.74
C LYS C 100 25.57 -16.89 -10.13
N LEU C 101 26.54 -16.79 -11.03
CA LEU C 101 26.32 -16.31 -12.39
C LEU C 101 26.03 -17.49 -13.33
N PRO C 102 25.53 -17.21 -14.55
CA PRO C 102 25.16 -18.30 -15.46
C PRO C 102 26.28 -19.31 -15.77
N ASP C 103 27.54 -18.85 -15.80
CA ASP C 103 28.64 -19.76 -16.13
C ASP C 103 29.14 -20.54 -14.91
N GLY C 104 28.43 -20.43 -13.80
CA GLY C 104 28.83 -21.12 -12.58
C GLY C 104 29.81 -20.30 -11.74
N HIS C 105 30.29 -19.19 -12.29
CA HIS C 105 31.18 -18.30 -11.56
C HIS C 105 30.46 -17.61 -10.41
N GLU C 106 31.14 -17.50 -9.27
CA GLU C 106 30.56 -16.85 -8.09
C GLU C 106 31.39 -15.65 -7.63
N PHE C 107 30.71 -14.64 -7.09
CA PHE C 107 31.42 -13.62 -6.32
C PHE C 107 30.63 -13.31 -5.06
N LYS C 108 31.31 -12.75 -4.06
CA LYS C 108 30.66 -12.39 -2.81
C LYS C 108 30.52 -10.89 -2.65
N PHE C 109 29.55 -10.48 -1.86
CA PHE C 109 29.26 -9.07 -1.60
C PHE C 109 28.83 -8.96 -0.14
N PRO C 110 29.47 -8.05 0.62
CA PRO C 110 29.28 -7.99 2.07
C PRO C 110 27.84 -7.67 2.49
N ASN C 111 27.39 -8.30 3.56
CA ASN C 111 26.11 -8.01 4.17
C ASN C 111 26.22 -6.80 5.09
N ARG C 112 26.39 -5.62 4.49
CA ARG C 112 26.72 -4.40 5.23
C ARG C 112 25.67 -3.98 6.25
N LEU C 113 24.41 -4.27 5.96
CA LEU C 113 23.32 -3.83 6.82
C LEU C 113 22.91 -4.91 7.79
N ASN C 114 23.69 -6.00 7.81
CA ASN C 114 23.49 -7.10 8.73
C ASN C 114 22.08 -7.64 8.67
N MET C 115 21.59 -7.87 7.46
CA MET C 115 20.25 -8.40 7.26
C MET C 115 20.18 -9.88 7.63
N GLU C 116 19.18 -10.24 8.41
CA GLU C 116 18.97 -11.62 8.85
C GLU C 116 18.00 -12.37 7.96
N ALA C 117 17.33 -11.64 7.07
CA ALA C 117 16.42 -12.25 6.11
C ALA C 117 16.23 -11.35 4.89
N ILE C 118 15.98 -11.97 3.75
CA ILE C 118 15.60 -11.22 2.56
C ILE C 118 14.11 -11.43 2.29
N ASN C 119 13.37 -10.32 2.29
CA ASN C 119 11.92 -10.37 2.13
C ASN C 119 11.44 -9.67 0.87
N TYR C 120 12.36 -9.04 0.16
CA TYR C 120 11.98 -8.21 -0.98
C TYR C 120 12.84 -8.48 -2.19
N MET C 121 12.17 -8.63 -3.34
CA MET C 121 12.84 -8.76 -4.62
C MET C 121 12.09 -7.97 -5.67
N ALA C 122 12.84 -7.30 -6.54
CA ALA C 122 12.22 -6.54 -7.62
C ALA C 122 13.14 -6.50 -8.82
N ALA C 123 12.58 -6.72 -10.01
CA ALA C 123 13.34 -6.56 -11.24
C ALA C 123 12.96 -5.25 -11.89
N ASP C 124 13.82 -4.75 -12.77
CA ASP C 124 13.49 -3.55 -13.52
C ASP C 124 12.90 -3.94 -14.88
N GLY C 125 12.58 -2.96 -15.72
CA GLY C 125 11.95 -3.22 -16.99
C GLY C 125 12.82 -3.86 -18.06
N ASP C 126 14.09 -4.10 -17.74
CA ASP C 126 15.01 -4.71 -18.70
C ASP C 126 15.22 -6.18 -18.41
N PHE C 127 14.57 -6.67 -17.36
CA PHE C 127 14.71 -8.06 -16.96
C PHE C 127 13.33 -8.63 -16.64
N LYS C 128 12.74 -9.29 -17.63
CA LYS C 128 11.40 -9.87 -17.49
C LYS C 128 11.49 -11.27 -16.89
N ILE C 129 11.15 -11.40 -15.62
CA ILE C 129 11.30 -12.64 -14.88
C ILE C 129 10.35 -13.73 -15.39
N LYS C 130 10.91 -14.91 -15.66
CA LYS C 130 10.13 -16.01 -16.20
C LYS C 130 9.88 -17.09 -15.14
N CYS C 131 10.84 -17.26 -14.23
CA CYS C 131 10.72 -18.23 -13.14
CA CYS C 131 10.71 -18.23 -13.14
C CYS C 131 11.44 -17.77 -11.89
N VAL C 132 10.83 -18.01 -10.73
CA VAL C 132 11.45 -17.75 -9.44
C VAL C 132 11.43 -19.03 -8.61
N ALA C 133 12.56 -19.39 -8.01
CA ALA C 133 12.60 -20.61 -7.22
C ALA C 133 13.34 -20.43 -5.90
N PHE C 134 12.85 -21.13 -4.88
CA PHE C 134 13.45 -21.11 -3.55
C PHE C 134 13.97 -22.50 -3.25
N GLU C 135 15.29 -22.68 -3.31
CA GLU C 135 15.86 -24.01 -3.09
C GLU C 135 16.81 -24.03 -1.90
N CYS D 3 1.67 4.77 15.24
CA CYS D 3 2.13 6.03 14.66
C CYS D 3 1.00 7.05 14.51
N GLY D 4 1.37 8.28 14.18
CA GLY D 4 0.44 9.39 14.05
C GLY D 4 -0.56 9.34 12.91
N LEU D 5 -1.55 10.22 12.98
CA LEU D 5 -2.58 10.36 11.96
C LEU D 5 -2.00 10.46 10.56
N VAL D 6 -2.63 9.75 9.62
CA VAL D 6 -2.24 9.81 8.21
C VAL D 6 -3.45 10.21 7.37
N ALA D 7 -3.26 11.21 6.51
CA ALA D 7 -4.33 11.65 5.62
C ALA D 7 -3.88 11.67 4.17
N SER D 8 -4.75 11.20 3.28
CA SER D 8 -4.43 11.18 1.85
C SER D 8 -5.57 11.81 1.06
N ASN D 9 -5.34 12.00 -0.24
CA ASN D 9 -6.26 12.73 -1.13
C ASN D 9 -6.58 14.13 -0.62
N LEU D 10 -5.55 14.81 -0.11
CA LEU D 10 -5.72 16.16 0.40
C LEU D 10 -6.06 17.16 -0.70
N ASN D 11 -5.42 17.01 -1.85
CA ASN D 11 -5.55 17.94 -2.96
C ASN D 11 -5.32 19.39 -2.56
N LEU D 12 -4.29 19.63 -1.75
CA LEU D 12 -3.92 20.99 -1.38
C LEU D 12 -3.21 21.66 -2.55
N LYS D 13 -3.74 22.81 -2.99
CA LYS D 13 -3.21 23.52 -4.15
C LYS D 13 -2.46 24.79 -3.73
N PRO D 14 -1.67 25.39 -4.66
CA PRO D 14 -0.93 26.62 -4.37
C PRO D 14 -1.81 27.74 -3.82
N GLY D 15 -1.34 28.39 -2.76
CA GLY D 15 -2.05 29.49 -2.15
C GLY D 15 -2.86 29.04 -0.95
N GLU D 16 -3.26 27.77 -0.97
CA GLU D 16 -4.08 27.21 0.09
C GLU D 16 -3.21 26.93 1.31
N LEU D 18 -2.51 24.87 4.92
CA LEU D 18 -2.76 23.70 5.76
C LEU D 18 -2.37 23.97 7.20
N LYS D 19 -3.38 24.03 8.07
CA LYS D 19 -3.19 24.36 9.47
C LYS D 19 -3.31 23.11 10.35
N VAL D 20 -2.23 22.76 11.04
CA VAL D 20 -2.22 21.57 11.87
C VAL D 20 -1.99 21.93 13.34
N ARG D 21 -2.99 21.64 14.15
CA ARG D 21 -2.93 21.88 15.58
C ARG D 21 -2.79 20.54 16.29
N GLY D 22 -1.84 20.46 17.22
CA GLY D 22 -1.59 19.20 17.89
C GLY D 22 -0.88 19.32 19.23
N GLU D 23 -0.91 18.25 19.99
CA GLU D 23 -0.30 18.24 21.30
C GLU D 23 1.08 17.59 21.28
N VAL D 24 2.09 18.33 21.72
CA VAL D 24 3.44 17.82 21.83
C VAL D 24 3.60 17.00 23.10
N ALA D 25 4.07 15.77 22.97
CA ALA D 25 4.23 14.88 24.12
C ALA D 25 5.08 15.54 25.22
N SER D 26 4.73 15.25 26.48
CA SER D 26 5.36 15.88 27.62
C SER D 26 6.83 15.45 27.77
N ASP D 27 7.18 14.35 27.14
CA ASP D 27 8.54 13.82 27.20
C ASP D 27 9.23 13.90 25.84
N ALA D 28 8.59 14.57 24.89
CA ALA D 28 9.08 14.58 23.52
C ALA D 28 10.39 15.35 23.40
N LYS D 29 11.34 14.77 22.66
CA LYS D 29 12.60 15.46 22.35
C LYS D 29 12.56 15.94 20.91
N SER D 30 11.54 15.49 20.19
CA SER D 30 11.34 15.87 18.80
C SER D 30 9.95 15.44 18.36
N PHE D 31 9.47 15.98 17.24
CA PHE D 31 8.32 15.37 16.57
C PHE D 31 8.45 15.57 15.06
N VAL D 32 7.62 14.84 14.32
CA VAL D 32 7.70 14.83 12.86
C VAL D 32 6.37 15.11 12.18
N LEU D 33 6.40 16.00 11.19
CA LEU D 33 5.28 16.22 10.32
C LEU D 33 5.73 16.12 8.88
N ASN D 34 5.20 15.12 8.16
CA ASN D 34 5.55 14.90 6.76
C ASN D 34 4.43 15.34 5.81
N LEU D 35 4.81 15.99 4.71
CA LEU D 35 3.86 16.40 3.70
C LEU D 35 4.39 16.02 2.33
N GLY D 36 3.50 15.68 1.41
CA GLY D 36 3.92 15.38 0.05
C GLY D 36 2.88 14.67 -0.80
N LYS D 37 3.36 13.75 -1.63
CA LYS D 37 2.48 12.98 -2.49
C LYS D 37 2.16 11.64 -1.83
N ASP D 38 3.18 11.03 -1.25
CA ASP D 38 3.03 9.79 -0.49
C ASP D 38 4.20 9.60 0.46
N SER D 39 4.27 8.44 1.10
CA SER D 39 5.28 8.19 2.13
C SER D 39 6.71 8.23 1.59
N ASN D 40 6.86 7.99 0.30
CA ASN D 40 8.18 7.98 -0.34
C ASN D 40 8.49 9.26 -1.10
N ASN D 41 7.53 10.17 -1.15
CA ASN D 41 7.70 11.42 -1.89
C ASN D 41 7.18 12.60 -1.09
N LEU D 42 8.09 13.25 -0.38
CA LEU D 42 7.73 14.33 0.53
C LEU D 42 8.26 15.67 0.04
N CYS D 43 7.37 16.66 -0.06
CA CYS D 43 7.82 18.01 -0.34
C CYS D 43 8.24 18.71 0.94
N LEU D 44 7.87 18.13 2.09
CA LEU D 44 8.29 18.68 3.36
C LEU D 44 8.33 17.65 4.49
N HIS D 45 9.53 17.39 4.99
CA HIS D 45 9.75 16.63 6.21
C HIS D 45 10.09 17.61 7.32
N PHE D 46 9.11 17.90 8.17
CA PHE D 46 9.24 18.93 9.21
C PHE D 46 9.62 18.31 10.56
N ASN D 47 10.88 18.44 10.94
CA ASN D 47 11.39 17.75 12.13
C ASN D 47 12.06 18.67 13.15
N PRO D 48 11.24 19.36 13.97
CA PRO D 48 11.75 20.18 15.08
C PRO D 48 12.35 19.32 16.19
N ARG D 49 13.49 19.75 16.73
CA ARG D 49 14.19 19.05 17.80
C ARG D 49 14.36 19.89 19.07
N PHE D 50 13.77 19.40 20.16
CA PHE D 50 13.82 20.06 21.46
C PHE D 50 15.21 19.99 22.09
N ASN D 57 18.70 21.70 19.89
CA ASN D 57 17.55 22.53 19.54
C ASN D 57 17.67 23.15 18.15
N THR D 58 16.85 22.65 17.23
CA THR D 58 16.89 23.07 15.84
C THR D 58 15.70 22.51 15.09
N ILE D 59 15.40 23.08 13.92
CA ILE D 59 14.38 22.51 13.05
C ILE D 59 15.00 21.94 11.78
N VAL D 60 14.97 20.62 11.66
CA VAL D 60 15.43 19.94 10.47
C VAL D 60 14.32 19.85 9.42
N CYS D 61 14.57 20.35 8.22
CA CYS D 61 13.63 20.18 7.11
C CYS D 61 14.32 19.48 5.96
N ASN D 62 13.60 18.57 5.32
CA ASN D 62 14.14 17.88 4.16
C ASN D 62 13.06 17.47 3.19
N THR D 63 13.47 16.96 2.03
CA THR D 63 12.56 16.37 1.07
C THR D 63 12.88 14.90 0.91
N LYS D 64 11.95 14.16 0.31
CA LYS D 64 12.19 12.77 -0.03
C LYS D 64 11.66 12.50 -1.42
N GLU D 65 12.50 11.94 -2.29
CA GLU D 65 12.08 11.66 -3.65
C GLU D 65 12.34 10.19 -3.93
N ASP D 66 11.26 9.44 -4.16
CA ASP D 66 11.32 7.99 -4.35
C ASP D 66 12.08 7.29 -3.22
N GLY D 67 11.82 7.72 -2.00
CA GLY D 67 12.42 7.10 -0.84
C GLY D 67 13.78 7.67 -0.46
N THR D 68 14.34 8.51 -1.32
CA THR D 68 15.67 9.03 -1.09
C THR D 68 15.62 10.41 -0.45
N TRP D 69 16.20 10.52 0.74
CA TRP D 69 16.30 11.78 1.45
C TRP D 69 17.13 12.78 0.67
N GLY D 70 16.71 14.04 0.68
CA GLY D 70 17.45 15.07 0.01
C GLY D 70 18.44 15.70 0.97
N THR D 71 18.87 16.91 0.65
CA THR D 71 19.80 17.63 1.51
C THR D 71 19.04 18.42 2.57
N GLU D 72 19.38 18.18 3.84
CA GLU D 72 18.67 18.81 4.94
C GLU D 72 18.93 20.31 5.05
N HIS D 73 17.88 21.06 5.37
CA HIS D 73 18.02 22.44 5.78
C HIS D 73 17.84 22.47 7.29
N ARG D 74 18.50 23.39 7.95
CA ARG D 74 18.30 23.56 9.37
C ARG D 74 17.94 25.01 9.66
N GLU D 75 16.78 25.20 10.28
CA GLU D 75 16.34 26.53 10.65
C GLU D 75 16.57 26.72 12.13
N PRO D 76 16.63 27.99 12.59
CA PRO D 76 16.75 28.24 14.03
C PRO D 76 15.57 27.61 14.77
N ALA D 77 15.86 27.07 15.95
CA ALA D 77 14.88 26.35 16.74
C ALA D 77 13.66 27.20 17.07
N PHE D 78 12.53 26.53 17.21
CA PHE D 78 11.36 27.16 17.79
C PHE D 78 11.14 26.53 19.14
N PRO D 79 10.90 27.36 20.16
CA PRO D 79 10.77 26.85 21.53
C PRO D 79 9.44 26.15 21.76
N PHE D 80 9.20 25.06 21.05
CA PHE D 80 8.04 24.22 21.30
C PHE D 80 8.10 23.72 22.74
N GLN D 81 6.98 23.79 23.45
CA GLN D 81 6.96 23.34 24.83
C GLN D 81 6.31 21.97 24.93
N PRO D 82 7.01 21.01 25.55
CA PRO D 82 6.45 19.67 25.76
C PRO D 82 5.18 19.70 26.61
N GLY D 83 4.17 18.93 26.21
CA GLY D 83 2.93 18.87 26.96
C GLY D 83 1.97 19.98 26.58
N SER D 84 2.36 20.80 25.61
CA SER D 84 1.51 21.92 25.20
C SER D 84 0.85 21.65 23.85
N ILE D 85 -0.16 22.45 23.52
CA ILE D 85 -0.80 22.38 22.22
C ILE D 85 -0.19 23.45 21.33
N THR D 86 0.32 23.03 20.18
CA THR D 86 0.97 23.94 19.27
C THR D 86 0.32 23.87 17.90
N GLU D 87 0.63 24.84 17.05
CA GLU D 87 -0.02 24.94 15.76
C GLU D 87 1.01 25.32 14.71
N VAL D 88 0.96 24.67 13.55
CA VAL D 88 1.82 25.02 12.44
C VAL D 88 1.00 25.17 11.18
N CYS D 89 1.39 26.13 10.34
CA CYS D 89 0.66 26.39 9.11
C CYS D 89 1.59 26.29 7.92
N ILE D 90 1.16 25.57 6.89
CA ILE D 90 1.98 25.40 5.71
C ILE D 90 1.23 25.88 4.48
N THR D 91 1.90 26.70 3.68
CA THR D 91 1.41 27.09 2.37
C THR D 91 2.51 26.82 1.37
N PHE D 92 2.18 26.85 0.08
CA PHE D 92 3.20 26.67 -0.93
C PHE D 92 2.82 27.31 -2.25
N ASP D 93 3.86 27.67 -3.01
CA ASP D 93 3.70 28.01 -4.41
C ASP D 93 4.64 27.10 -5.20
N GLN D 94 4.79 27.38 -6.49
CA GLN D 94 5.67 26.59 -7.34
C GLN D 94 7.11 26.65 -6.84
N ALA D 95 7.48 27.79 -6.25
CA ALA D 95 8.86 28.04 -5.84
C ALA D 95 9.13 27.53 -4.43
N ASP D 96 8.37 27.99 -3.45
CA ASP D 96 8.65 27.65 -2.06
C ASP D 96 7.43 27.17 -1.29
N LEU D 97 7.68 26.39 -0.25
CA LEU D 97 6.73 26.15 0.81
C LEU D 97 7.00 27.17 1.91
N THR D 98 5.96 27.71 2.51
CA THR D 98 6.13 28.63 3.62
C THR D 98 5.59 28.02 4.89
N ILE D 99 6.44 27.98 5.92
CA ILE D 99 6.06 27.37 7.18
C ILE D 99 5.91 28.46 8.24
N LYS D 100 4.69 28.62 8.73
CA LYS D 100 4.41 29.61 9.76
C LYS D 100 4.41 28.94 11.14
N LEU D 101 5.26 29.44 12.02
CA LEU D 101 5.41 28.88 13.36
C LEU D 101 4.46 29.59 14.30
N PRO D 102 4.21 29.03 15.50
CA PRO D 102 3.25 29.63 16.43
C PRO D 102 3.51 31.09 16.82
N ASP D 103 4.79 31.49 16.88
CA ASP D 103 5.12 32.86 17.29
C ASP D 103 5.01 33.83 16.13
N GLY D 104 4.45 33.35 15.03
CA GLY D 104 4.26 34.16 13.85
C GLY D 104 5.47 34.18 12.95
N HIS D 105 6.59 33.63 13.41
CA HIS D 105 7.77 33.57 12.59
C HIS D 105 7.58 32.60 11.44
N GLU D 106 8.06 33.00 10.26
CA GLU D 106 7.95 32.21 9.05
C GLU D 106 9.33 31.88 8.50
N PHE D 107 9.47 30.72 7.86
CA PHE D 107 10.63 30.49 7.01
C PHE D 107 10.18 29.79 5.74
N LYS D 108 11.00 29.91 4.70
CA LYS D 108 10.66 29.29 3.43
C LYS D 108 11.54 28.07 3.18
N PHE D 109 11.02 27.16 2.37
CA PHE D 109 11.71 25.92 2.05
C PHE D 109 11.41 25.59 0.60
N PRO D 110 12.47 25.35 -0.19
CA PRO D 110 12.29 25.21 -1.64
C PRO D 110 11.40 24.05 -2.04
N ASN D 111 10.60 24.26 -3.08
CA ASN D 111 9.81 23.19 -3.68
C ASN D 111 10.68 22.43 -4.66
N ARG D 112 11.68 21.72 -4.13
CA ARG D 112 12.70 21.09 -4.95
C ARG D 112 12.16 20.02 -5.89
N LEU D 113 11.07 19.37 -5.49
CA LEU D 113 10.52 18.27 -6.29
C LEU D 113 9.41 18.74 -7.22
N ASN D 114 9.20 20.06 -7.26
CA ASN D 114 8.24 20.69 -8.16
C ASN D 114 6.84 20.07 -8.06
N MET D 115 6.36 19.88 -6.83
CA MET D 115 5.02 19.35 -6.61
C MET D 115 3.94 20.34 -6.95
N GLU D 116 2.92 19.87 -7.66
CA GLU D 116 1.81 20.71 -8.07
C GLU D 116 0.68 20.63 -7.05
N ALA D 117 0.77 19.69 -6.14
CA ALA D 117 -0.22 19.53 -5.09
C ALA D 117 0.32 18.77 -3.88
N ILE D 118 -0.23 19.04 -2.70
CA ILE D 118 0.07 18.23 -1.53
C ILE D 118 -1.12 17.31 -1.27
N ASN D 119 -0.87 16.00 -1.33
CA ASN D 119 -1.92 15.01 -1.20
C ASN D 119 -1.78 14.13 0.03
N TYR D 120 -0.66 14.26 0.72
CA TYR D 120 -0.32 13.35 1.80
C TYR D 120 0.18 14.10 3.03
N MET D 121 -0.31 13.70 4.20
CA MET D 121 0.16 14.24 5.47
C MET D 121 0.26 13.13 6.50
N ALA D 122 1.33 13.15 7.29
CA ALA D 122 1.49 12.18 8.36
C ALA D 122 2.31 12.74 9.52
N ALA D 123 1.82 12.50 10.73
CA ALA D 123 2.57 12.82 11.94
C ALA D 123 3.12 11.55 12.54
N ASP D 124 4.14 11.67 13.39
CA ASP D 124 4.65 10.50 14.11
C ASP D 124 4.02 10.41 15.51
N GLY D 125 4.43 9.43 16.29
CA GLY D 125 3.87 9.21 17.61
C GLY D 125 4.23 10.24 18.68
N ASP D 126 5.02 11.25 18.31
CA ASP D 126 5.43 12.28 19.26
C ASP D 126 4.63 13.57 19.10
N PHE D 127 3.73 13.56 18.11
CA PHE D 127 2.88 14.71 17.83
C PHE D 127 1.45 14.24 17.58
N LYS D 128 0.61 14.34 18.61
CA LYS D 128 -0.77 13.88 18.49
C LYS D 128 -1.64 14.96 17.87
N ILE D 129 -1.98 14.77 16.59
CA ILE D 129 -2.75 15.76 15.87
C ILE D 129 -4.15 15.85 16.45
N LYS D 130 -4.55 17.07 16.80
CA LYS D 130 -5.84 17.31 17.39
C LYS D 130 -6.80 18.00 16.44
N VAL D 132 -7.02 19.37 12.11
CA VAL D 132 -6.51 19.67 10.77
C VAL D 132 -7.52 20.51 10.02
N ALA D 133 -7.06 21.61 9.43
CA ALA D 133 -7.93 22.51 8.70
C ALA D 133 -7.29 22.95 7.39
N PHE D 134 -8.11 23.16 6.37
CA PHE D 134 -7.64 23.61 5.07
C PHE D 134 -8.15 25.01 4.76
N GLU D 135 -7.28 25.99 4.88
CA GLU D 135 -7.66 27.38 4.66
C GLU D 135 -6.82 28.01 3.55
#